data_4E28
#
_entry.id   4E28
#
_cell.length_a   95.747
_cell.length_b   95.747
_cell.length_c   82.407
_cell.angle_alpha   90.00
_cell.angle_beta   90.00
_cell.angle_gamma   120.00
#
_symmetry.space_group_name_H-M   'P 31 2 1'
#
loop_
_entity.id
_entity.type
_entity.pdbx_description
1 polymer 'Thymidylate synthase'
2 non-polymer 'SULFATE ION'
3 non-polymer 2-{(2Z,5S)-4-hydroxy-2-[(2E)-(2-hydroxybenzylidene)hydrazinylidene]-2,5-dihydro-1,3-thiazol-5-yl}-N-[3-(trifluoromethyl)phenyl]acetamide
4 non-polymer 2-{(5S)-2-[(2E)-2-(2-hydroxybenzylidene)hydrazinyl]-4-oxo-4,5-dihydro-1,3-thiazol-5-yl}-N-[3-(trifluoromethyl)phenyl]acetamide
5 water water
#
_entity_poly.entity_id   1
_entity_poly.type   'polypeptide(L)'
_entity_poly.pdbx_seq_one_letter_code
;MRGSHHHHHHGSMPVAGSELPRRPLPPAAQERDAEPRPPHGELQYLGQIQHILRCGVRKDDRTGTGTLSVFGMQARYSLR
DEFPLLTTKRVFWKGVLEELLWFIKGSTNAKELSSKGVKIWDANGSRDFLDSLGFSTREEGDLGPVYGFQWRHFGAEYRD
MESDYSGQGVDQLQRVIDTIKTNPDDRRIIM(CME)AWNPRDLPLMALPP(CME)HALCQFYVVNSELSCQLYQRSGDMG
LGVPFNIASYALLTYMIAHITGLKPGDFIHTLGDAHIYLNHIEPLKIQLQREPRPFPKLRILRKVEKIDDFKAEDFQIEG
YNPHPTIKMEMAV
;
_entity_poly.pdbx_strand_id   A
#
# COMPACT_ATOMS: atom_id res chain seq x y z
N PRO A 38 6.69 -0.08 23.45
CA PRO A 38 5.76 -0.06 22.32
C PRO A 38 5.82 -1.34 21.50
N PRO A 39 4.72 -2.11 21.46
CA PRO A 39 4.71 -3.37 20.70
C PRO A 39 5.00 -3.15 19.22
N HIS A 40 5.45 -4.20 18.55
CA HIS A 40 5.79 -4.14 17.13
C HIS A 40 4.54 -4.09 16.23
N GLY A 41 4.45 -3.04 15.40
CA GLY A 41 3.32 -2.85 14.51
C GLY A 41 2.93 -4.08 13.70
N GLU A 42 3.91 -4.84 13.23
CA GLU A 42 3.65 -6.10 12.51
C GLU A 42 2.79 -7.08 13.31
N LEU A 43 2.80 -6.96 14.63
CA LEU A 43 1.90 -7.80 15.43
C LEU A 43 0.42 -7.60 15.05
N GLN A 44 0.07 -6.40 14.60
CA GLN A 44 -1.31 -6.15 14.18
C GLN A 44 -1.65 -7.06 13.00
N TYR A 45 -0.79 -7.03 12.00
CA TYR A 45 -0.94 -7.88 10.83
C TYR A 45 -1.02 -9.37 11.22
N LEU A 46 -0.10 -9.80 12.07
CA LEU A 46 -0.13 -11.20 12.55
C LEU A 46 -1.44 -11.51 13.28
N GLY A 47 -1.91 -10.58 14.11
CA GLY A 47 -3.16 -10.79 14.82
C GLY A 47 -4.37 -10.86 13.90
N GLN A 48 -4.33 -10.11 12.81
CA GLN A 48 -5.42 -10.14 11.85
C GLN A 48 -5.45 -11.47 11.11
N ILE A 49 -4.28 -12.00 10.73
CA ILE A 49 -4.22 -13.31 10.10
C ILE A 49 -4.84 -14.34 11.05
N GLN A 50 -4.32 -14.37 12.27
CA GLN A 50 -4.82 -15.27 13.31
C GLN A 50 -6.33 -15.15 13.45
N HIS A 51 -6.84 -13.92 13.49
CA HIS A 51 -8.27 -13.69 13.66
C HIS A 51 -9.06 -14.25 12.47
N ILE A 52 -8.51 -14.12 11.26
CA ILE A 52 -9.23 -14.64 10.11
C ILE A 52 -9.23 -16.17 10.10
N LEU A 53 -8.10 -16.77 10.45
CA LEU A 53 -8.01 -18.22 10.50
C LEU A 53 -9.03 -18.82 11.47
N ARG A 54 -9.20 -18.18 12.63
CA ARG A 54 -10.11 -18.65 13.66
C ARG A 54 -11.58 -18.31 13.43
N CYS A 55 -11.85 -17.07 13.04
CA CYS A 55 -13.23 -16.59 12.97
C CYS A 55 -13.69 -16.31 11.55
N GLY A 56 -12.76 -16.32 10.61
CA GLY A 56 -13.13 -16.12 9.22
C GLY A 56 -14.19 -17.13 8.78
N VAL A 57 -15.09 -16.68 7.92
CA VAL A 57 -16.09 -17.56 7.34
C VAL A 57 -15.76 -17.82 5.87
N ARG A 58 -16.22 -18.95 5.37
CA ARG A 58 -15.96 -19.35 3.98
C ARG A 58 -16.72 -18.46 3.00
N LYS A 59 -16.02 -17.95 2.00
CA LYS A 59 -16.64 -17.04 1.05
C LYS A 59 -15.93 -17.16 -0.28
N ASP A 60 -16.69 -17.22 -1.37
CA ASP A 60 -16.10 -17.31 -2.70
C ASP A 60 -15.80 -15.95 -3.30
N ASP A 61 -14.75 -15.89 -4.12
CA ASP A 61 -14.44 -14.67 -4.86
C ASP A 61 -15.05 -14.80 -6.23
N ARG A 62 -14.78 -13.78 -7.05
CA ARG A 62 -15.26 -13.63 -8.42
C ARG A 62 -15.13 -14.92 -9.23
N THR A 63 -13.98 -15.56 -9.09
CA THR A 63 -13.70 -16.77 -9.85
C THR A 63 -14.13 -18.01 -9.05
N GLY A 64 -14.59 -17.78 -7.83
CA GLY A 64 -15.13 -18.83 -6.97
C GLY A 64 -14.10 -19.75 -6.34
N THR A 65 -12.97 -19.20 -5.92
CA THR A 65 -11.85 -20.06 -5.51
C THR A 65 -11.43 -20.05 -4.03
N GLY A 66 -12.40 -19.99 -3.12
CA GLY A 66 -12.17 -20.26 -1.71
C GLY A 66 -11.35 -19.28 -0.88
N THR A 67 -11.99 -18.58 0.04
CA THR A 67 -11.26 -17.77 1.01
C THR A 67 -11.89 -17.95 2.38
N LEU A 68 -11.14 -17.63 3.42
CA LEU A 68 -11.73 -17.37 4.73
C LEU A 68 -11.87 -15.85 4.85
N SER A 69 -13.02 -15.36 5.26
CA SER A 69 -13.30 -13.93 5.16
C SER A 69 -13.85 -13.29 6.44
N VAL A 70 -13.33 -12.11 6.74
CA VAL A 70 -13.87 -11.26 7.80
C VAL A 70 -14.16 -9.89 7.18
N PHE A 71 -15.24 -9.23 7.58
CA PHE A 71 -15.55 -7.91 7.05
C PHE A 71 -15.20 -6.77 8.02
N GLY A 72 -14.28 -5.89 7.63
CA GLY A 72 -13.96 -4.73 8.43
C GLY A 72 -12.78 -4.93 9.37
N MET A 73 -11.67 -4.28 9.06
CA MET A 73 -10.42 -4.39 9.81
C MET A 73 -9.64 -3.08 9.71
N GLN A 74 -8.76 -2.85 10.65
CA GLN A 74 -7.95 -1.66 10.59
C GLN A 74 -6.68 -1.90 11.39
N ALA A 75 -5.58 -1.38 10.89
CA ALA A 75 -4.28 -1.46 11.56
C ALA A 75 -3.59 -0.12 11.35
N ARG A 76 -2.78 0.29 12.34
CA ARG A 76 -2.03 1.54 12.30
C ARG A 76 -0.52 1.25 12.33
N TYR A 77 0.22 1.77 11.36
CA TYR A 77 1.68 1.60 11.33
C TYR A 77 2.37 2.94 11.43
N SER A 78 3.18 3.11 12.46
CA SER A 78 4.00 4.30 12.57
C SER A 78 4.99 4.45 11.42
N LEU A 79 5.15 5.66 10.93
CA LEU A 79 6.15 5.92 9.89
C LEU A 79 7.28 6.78 10.46
N ARG A 80 7.28 6.98 11.77
CA ARG A 80 8.20 7.90 12.41
C ARG A 80 9.53 7.21 12.69
N ASP A 81 10.54 7.59 11.91
CA ASP A 81 11.86 6.96 11.98
C ASP A 81 11.80 5.44 11.85
N GLU A 82 10.82 4.96 11.10
CA GLU A 82 10.77 3.56 10.70
C GLU A 82 9.83 3.37 9.50
N PHE A 83 9.97 2.22 8.84
CA PHE A 83 9.24 1.93 7.63
C PHE A 83 8.65 0.53 7.65
N PRO A 84 7.32 0.42 7.49
CA PRO A 84 6.62 -0.84 7.75
C PRO A 84 6.74 -1.84 6.60
N LEU A 85 7.97 -2.24 6.29
CA LEU A 85 8.23 -3.36 5.38
C LEU A 85 8.26 -4.64 6.23
N LEU A 86 7.28 -5.51 6.05
CA LEU A 86 7.09 -6.60 7.00
C LEU A 86 8.33 -7.49 7.12
N THR A 87 8.56 -8.02 8.32
CA THR A 87 9.76 -8.82 8.59
C THR A 87 9.52 -10.33 8.75
N THR A 88 8.27 -10.77 8.86
CA THR A 88 8.03 -12.19 9.06
C THR A 88 8.11 -12.99 7.77
N LYS A 89 8.32 -12.26 6.68
CA LYS A 89 8.70 -12.85 5.40
C LYS A 89 9.39 -11.73 4.61
N ARG A 90 10.25 -12.09 3.67
CA ARG A 90 10.91 -11.05 2.87
C ARG A 90 9.91 -10.47 1.88
N VAL A 91 9.74 -9.16 1.94
CA VAL A 91 8.82 -8.47 1.04
C VAL A 91 9.61 -7.94 -0.15
N PHE A 92 9.06 -8.10 -1.34
CA PHE A 92 9.76 -7.72 -2.57
C PHE A 92 9.80 -6.19 -2.73
N TRP A 93 10.67 -5.55 -1.96
CA TRP A 93 10.79 -4.09 -1.95
C TRP A 93 11.02 -3.47 -3.31
N LYS A 94 11.90 -4.08 -4.11
CA LYS A 94 12.24 -3.56 -5.44
C LYS A 94 11.00 -3.42 -6.32
N GLY A 95 10.13 -4.42 -6.27
CA GLY A 95 8.92 -4.38 -7.06
C GLY A 95 7.95 -3.34 -6.50
N VAL A 96 7.97 -3.18 -5.18
CA VAL A 96 7.13 -2.16 -4.57
C VAL A 96 7.51 -0.80 -5.14
N LEU A 97 8.79 -0.44 -4.99
CA LEU A 97 9.31 0.83 -5.44
C LEU A 97 9.04 1.04 -6.92
N GLU A 98 9.40 0.04 -7.72
CA GLU A 98 9.32 0.17 -9.17
C GLU A 98 7.88 0.37 -9.66
N GLU A 99 6.97 -0.41 -9.09
CA GLU A 99 5.57 -0.30 -9.46
C GLU A 99 4.94 1.03 -9.04
N LEU A 100 5.32 1.54 -7.88
CA LEU A 100 4.82 2.83 -7.42
C LEU A 100 5.30 3.95 -8.36
N LEU A 101 6.58 3.89 -8.73
CA LEU A 101 7.16 4.85 -9.65
C LEU A 101 6.44 4.80 -10.99
N TRP A 102 6.17 3.60 -11.46
CA TRP A 102 5.41 3.40 -12.68
C TRP A 102 4.05 4.10 -12.60
N PHE A 103 3.35 3.94 -11.48
CA PHE A 103 2.04 4.58 -11.32
C PHE A 103 2.12 6.10 -11.26
N ILE A 104 3.12 6.62 -10.54
CA ILE A 104 3.35 8.06 -10.50
C ILE A 104 3.62 8.66 -11.90
N LYS A 105 4.22 7.86 -12.79
CA LYS A 105 4.42 8.23 -14.19
C LYS A 105 3.11 8.36 -14.97
N GLY A 106 2.12 7.54 -14.63
CA GLY A 106 0.85 7.53 -15.33
C GLY A 106 0.84 6.58 -16.51
N SER A 107 1.79 5.65 -16.52
CA SER A 107 2.00 4.78 -17.68
C SER A 107 0.91 3.73 -17.87
N THR A 108 0.49 3.54 -19.11
CA THR A 108 -0.46 2.48 -19.46
C THR A 108 0.20 1.38 -20.31
N ASN A 109 1.47 1.56 -20.66
CA ASN A 109 2.25 0.52 -21.32
C ASN A 109 2.69 -0.56 -20.32
N ALA A 110 1.95 -1.66 -20.27
CA ALA A 110 2.21 -2.73 -19.33
C ALA A 110 3.66 -3.20 -19.37
N LYS A 111 4.25 -3.20 -20.56
CA LYS A 111 5.63 -3.62 -20.72
C LYS A 111 6.61 -2.50 -20.32
N GLU A 112 6.09 -1.28 -20.19
CA GLU A 112 6.87 -0.16 -19.68
C GLU A 112 7.26 -0.47 -18.24
N LEU A 113 6.67 -1.52 -17.69
CA LEU A 113 7.02 -2.01 -16.36
C LEU A 113 7.76 -3.36 -16.47
N SER A 114 8.89 -3.33 -17.15
CA SER A 114 9.78 -4.49 -17.21
C SER A 114 11.07 -4.16 -16.45
N SER A 115 11.01 -4.29 -15.12
CA SER A 115 12.08 -3.84 -14.25
C SER A 115 12.96 -5.00 -13.77
N LYS A 116 13.07 -6.02 -14.60
CA LYS A 116 13.87 -7.20 -14.27
C LYS A 116 14.59 -7.74 -15.51
N ASP A 142 -4.52 -9.42 -12.38
CA ASP A 142 -3.06 -9.50 -12.29
C ASP A 142 -2.43 -8.12 -12.44
N LEU A 143 -3.28 -7.11 -12.54
CA LEU A 143 -2.81 -5.72 -12.62
C LEU A 143 -2.68 -5.11 -11.23
N GLY A 144 -3.24 -5.81 -10.23
CA GLY A 144 -3.24 -5.35 -8.84
C GLY A 144 -1.87 -5.35 -8.21
N PRO A 145 -1.80 -5.12 -6.88
CA PRO A 145 -2.97 -4.84 -6.05
C PRO A 145 -3.14 -3.34 -5.73
N VAL A 146 -2.37 -2.48 -6.41
CA VAL A 146 -2.43 -1.03 -6.16
C VAL A 146 -3.39 -0.30 -7.12
N TYR A 147 -3.27 -0.60 -8.41
CA TYR A 147 -4.21 -0.09 -9.42
C TYR A 147 -4.16 1.43 -9.64
N GLY A 148 -2.96 2.01 -9.63
CA GLY A 148 -2.82 3.46 -9.69
C GLY A 148 -2.95 4.10 -11.07
N PHE A 149 -3.74 3.48 -11.94
CA PHE A 149 -3.79 3.88 -13.34
C PHE A 149 -4.38 5.28 -13.61
N GLN A 150 -5.23 5.76 -12.70
CA GLN A 150 -5.91 7.05 -12.89
C GLN A 150 -5.46 8.10 -11.87
N TRP A 151 -4.29 7.87 -11.31
CA TRP A 151 -3.68 8.83 -10.38
C TRP A 151 -3.30 10.16 -11.04
N ARG A 152 -3.00 10.14 -12.33
CA ARG A 152 -2.50 11.32 -13.04
C ARG A 152 -3.46 11.87 -14.10
N HIS A 153 -4.17 10.98 -14.78
CA HIS A 153 -5.05 11.38 -15.89
C HIS A 153 -6.36 10.60 -15.87
N PHE A 154 -7.40 11.18 -16.48
CA PHE A 154 -8.64 10.45 -16.73
C PHE A 154 -8.96 10.48 -18.23
N TYR A 165 -2.17 13.41 -23.17
CA TYR A 165 -2.72 13.42 -21.82
C TYR A 165 -2.06 14.51 -20.99
N SER A 166 -1.12 15.23 -21.59
CA SER A 166 -0.33 16.23 -20.87
C SER A 166 -1.17 17.38 -20.33
N GLY A 167 -2.35 17.07 -19.80
CA GLY A 167 -3.24 18.08 -19.25
C GLY A 167 -4.71 17.73 -19.41
N GLN A 168 -4.98 16.47 -19.78
CA GLN A 168 -6.36 15.99 -19.93
C GLN A 168 -6.81 15.21 -18.70
N GLY A 169 -7.88 15.70 -18.07
CA GLY A 169 -8.42 15.06 -16.89
C GLY A 169 -7.97 15.71 -15.60
N VAL A 170 -8.52 15.23 -14.50
CA VAL A 170 -8.08 15.62 -13.16
C VAL A 170 -6.81 14.87 -12.82
N ASP A 171 -5.81 15.57 -12.27
CA ASP A 171 -4.60 14.91 -11.77
C ASP A 171 -4.70 14.73 -10.24
N GLN A 172 -5.26 13.60 -9.82
CA GLN A 172 -5.51 13.33 -8.39
C GLN A 172 -4.27 13.51 -7.53
N LEU A 173 -3.16 12.93 -7.96
CA LEU A 173 -1.93 12.96 -7.18
C LEU A 173 -1.43 14.38 -7.01
N GLN A 174 -1.42 15.15 -8.10
CA GLN A 174 -0.94 16.53 -8.05
C GLN A 174 -1.91 17.38 -7.21
N ARG A 175 -3.18 17.06 -7.28
CA ARG A 175 -4.19 17.76 -6.48
C ARG A 175 -4.00 17.52 -4.97
N VAL A 176 -3.67 16.28 -4.60
CA VAL A 176 -3.36 15.95 -3.22
C VAL A 176 -2.16 16.78 -2.74
N ILE A 177 -1.10 16.78 -3.52
CA ILE A 177 0.10 17.52 -3.18
C ILE A 177 -0.19 19.03 -3.03
N ASP A 178 -0.92 19.61 -3.98
CA ASP A 178 -1.26 21.04 -3.93
C ASP A 178 -2.11 21.41 -2.74
N THR A 179 -3.08 20.53 -2.40
CA THR A 179 -3.98 20.85 -1.30
C THR A 179 -3.18 20.82 -0.01
N ILE A 180 -2.30 19.84 0.11
CA ILE A 180 -1.49 19.74 1.31
C ILE A 180 -0.72 21.03 1.54
N LYS A 181 -0.26 21.62 0.43
CA LYS A 181 0.48 22.87 0.45
C LYS A 181 -0.40 24.12 0.63
N THR A 182 -1.59 24.14 0.03
CA THR A 182 -2.41 25.34 0.09
C THR A 182 -3.38 25.33 1.27
N ASN A 183 -3.71 24.14 1.77
CA ASN A 183 -4.62 24.06 2.92
C ASN A 183 -4.49 22.75 3.73
N PRO A 184 -3.42 22.65 4.54
CA PRO A 184 -3.12 21.38 5.20
C PRO A 184 -4.22 20.82 6.12
N ASP A 185 -5.16 21.65 6.55
CA ASP A 185 -6.23 21.20 7.44
C ASP A 185 -7.35 20.52 6.66
N ASP A 186 -7.33 20.63 5.33
CA ASP A 186 -8.42 20.10 4.52
C ASP A 186 -8.76 18.63 4.84
N ARG A 187 -10.04 18.31 4.90
CA ARG A 187 -10.47 16.96 5.23
C ARG A 187 -10.76 16.18 3.97
N ARG A 188 -10.47 16.79 2.83
CA ARG A 188 -10.83 16.21 1.53
C ARG A 188 -9.60 15.84 0.71
N ILE A 189 -8.49 15.56 1.36
CA ILE A 189 -7.28 15.24 0.63
C ILE A 189 -7.28 13.76 0.25
N ILE A 190 -7.94 13.47 -0.85
CA ILE A 190 -8.33 12.11 -1.17
C ILE A 190 -7.99 11.74 -2.59
N MET A 191 -7.49 10.53 -2.77
CA MET A 191 -7.18 10.03 -4.09
C MET A 191 -7.74 8.62 -4.21
N ALA A 193 -8.25 4.82 -6.48
CA ALA A 193 -7.79 3.90 -7.51
C ALA A 193 -8.89 2.91 -7.90
N TRP A 194 -9.00 2.64 -9.19
CA TRP A 194 -9.98 1.70 -9.71
C TRP A 194 -9.28 0.46 -10.28
N ASN A 195 -9.89 -0.70 -10.06
CA ASN A 195 -9.55 -1.89 -10.81
C ASN A 195 -10.03 -1.67 -12.24
N PRO A 196 -9.10 -1.71 -13.20
CA PRO A 196 -9.46 -1.38 -14.59
C PRO A 196 -10.54 -2.29 -15.16
N ARG A 197 -10.63 -3.53 -14.70
CA ARG A 197 -11.67 -4.41 -15.19
C ARG A 197 -13.07 -3.87 -14.86
N ASP A 198 -13.19 -3.00 -13.87
CA ASP A 198 -14.48 -2.42 -13.51
C ASP A 198 -14.98 -1.31 -14.45
N LEU A 199 -14.07 -0.65 -15.15
CA LEU A 199 -14.40 0.56 -15.92
C LEU A 199 -15.45 0.40 -17.03
N PRO A 200 -15.26 -0.59 -17.90
CA PRO A 200 -16.28 -0.78 -18.95
C PRO A 200 -17.55 -1.47 -18.42
N LEU A 201 -17.47 -2.03 -17.21
CA LEU A 201 -18.56 -2.82 -16.64
C LEU A 201 -19.82 -2.02 -16.28
N MET A 202 -19.62 -0.77 -15.87
CA MET A 202 -20.74 0.08 -15.46
C MET A 202 -20.34 1.56 -15.37
N ALA A 203 -21.33 2.44 -15.42
CA ALA A 203 -21.09 3.86 -15.10
C ALA A 203 -20.90 4.03 -13.59
N LEU A 204 -20.29 5.15 -13.20
CA LEU A 204 -19.98 5.41 -11.80
C LEU A 204 -19.48 4.13 -11.11
N PRO A 205 -18.42 3.52 -11.65
CA PRO A 205 -17.90 2.30 -11.04
C PRO A 205 -17.24 2.59 -9.70
N PRO A 206 -17.44 1.71 -8.72
CA PRO A 206 -16.81 1.90 -7.41
C PRO A 206 -15.32 1.75 -7.52
N HIS A 208 -11.62 0.71 -6.20
CA HIS A 208 -11.11 -0.41 -5.44
C HIS A 208 -10.52 0.10 -4.10
N ALA A 209 -9.96 1.28 -4.12
CA ALA A 209 -9.27 1.81 -2.96
C ALA A 209 -9.45 3.32 -2.90
N LEU A 210 -9.63 3.84 -1.69
CA LEU A 210 -9.55 5.29 -1.53
C LEU A 210 -8.44 5.58 -0.54
N CYS A 211 -7.69 6.62 -0.84
CA CYS A 211 -6.55 6.98 -0.05
C CYS A 211 -6.79 8.39 0.52
N GLN A 212 -6.83 8.52 1.86
CA GLN A 212 -7.01 9.85 2.44
C GLN A 212 -5.77 10.32 3.20
N PHE A 213 -5.35 11.55 2.95
CA PHE A 213 -4.18 12.11 3.62
C PHE A 213 -4.59 13.10 4.71
N TYR A 214 -3.71 13.31 5.68
CA TYR A 214 -4.08 14.09 6.85
C TYR A 214 -2.80 14.76 7.39
N VAL A 215 -2.91 16.05 7.72
CA VAL A 215 -1.76 16.79 8.21
C VAL A 215 -2.06 17.42 9.55
N VAL A 216 -1.20 17.19 10.53
CA VAL A 216 -1.25 17.96 11.76
C VAL A 216 0.19 18.06 12.30
N ASN A 217 0.54 19.20 12.92
CA ASN A 217 1.88 19.35 13.48
C ASN A 217 3.02 18.97 12.53
N SER A 218 2.95 19.42 11.28
CA SER A 218 4.00 19.13 10.31
C SER A 218 4.25 17.62 10.06
N GLU A 219 3.29 16.78 10.44
CA GLU A 219 3.31 15.34 10.11
C GLU A 219 2.24 14.95 9.10
N LEU A 220 2.62 14.18 8.09
CA LEU A 220 1.69 13.71 7.10
C LEU A 220 1.27 12.27 7.40
N SER A 221 -0.03 12.05 7.60
CA SER A 221 -0.56 10.70 7.75
C SER A 221 -1.37 10.27 6.54
N CYS A 222 -1.53 8.96 6.37
CA CYS A 222 -2.27 8.40 5.23
C CYS A 222 -3.19 7.27 5.66
N GLN A 223 -4.42 7.28 5.17
CA GLN A 223 -5.29 6.13 5.42
C GLN A 223 -5.73 5.55 4.09
N LEU A 224 -5.53 4.25 3.94
CA LEU A 224 -5.98 3.55 2.76
C LEU A 224 -7.17 2.70 3.13
N TYR A 225 -8.28 2.90 2.44
CA TYR A 225 -9.43 2.01 2.55
C TYR A 225 -9.50 1.14 1.30
N GLN A 226 -9.38 -0.17 1.44
CA GLN A 226 -9.58 -1.07 0.29
C GLN A 226 -10.86 -1.86 0.47
N ARG A 227 -11.68 -1.93 -0.57
CA ARG A 227 -12.94 -2.65 -0.50
C ARG A 227 -12.67 -4.15 -0.28
N SER A 228 -11.46 -4.59 -0.64
CA SER A 228 -11.07 -5.96 -0.30
C SER A 228 -9.57 -6.13 -0.26
N GLY A 229 -9.14 -7.04 0.61
CA GLY A 229 -7.74 -7.18 0.88
C GLY A 229 -7.35 -8.64 0.98
N ASP A 230 -6.48 -9.02 0.05
CA ASP A 230 -5.84 -10.33 0.02
C ASP A 230 -4.73 -10.33 1.08
N MET A 231 -4.96 -10.97 2.23
CA MET A 231 -4.05 -10.84 3.38
C MET A 231 -2.68 -11.47 3.17
N GLY A 232 -2.64 -12.55 2.38
CA GLY A 232 -1.36 -13.22 2.17
C GLY A 232 -0.39 -12.54 1.21
N LEU A 233 -0.93 -12.08 0.08
CA LEU A 233 -0.11 -11.50 -0.96
C LEU A 233 -0.25 -9.98 -1.03
N GLY A 234 -1.46 -9.48 -1.21
CA GLY A 234 -1.65 -8.08 -1.51
C GLY A 234 -1.39 -7.13 -0.36
N VAL A 235 -1.84 -7.50 0.82
CA VAL A 235 -1.78 -6.58 1.95
C VAL A 235 -0.37 -6.11 2.31
N PRO A 236 0.57 -7.04 2.53
CA PRO A 236 1.95 -6.62 2.88
C PRO A 236 2.54 -5.72 1.79
N PHE A 237 2.25 -6.04 0.53
CA PHE A 237 2.71 -5.24 -0.60
C PHE A 237 2.08 -3.83 -0.60
N ASN A 238 0.78 -3.77 -0.31
CA ASN A 238 0.09 -2.48 -0.18
C ASN A 238 0.54 -1.64 1.01
N ILE A 239 0.78 -2.29 2.15
CA ILE A 239 1.32 -1.55 3.28
C ILE A 239 2.62 -0.83 2.88
N ALA A 240 3.53 -1.56 2.24
CA ALA A 240 4.78 -0.94 1.80
C ALA A 240 4.57 0.15 0.72
N SER A 241 3.66 -0.11 -0.22
CA SER A 241 3.39 0.85 -1.30
C SER A 241 2.88 2.21 -0.79
N TYR A 242 1.87 2.18 0.06
CA TYR A 242 1.28 3.43 0.54
C TYR A 242 2.13 4.13 1.58
N ALA A 243 2.87 3.34 2.38
CA ALA A 243 3.90 3.92 3.24
C ALA A 243 4.97 4.66 2.42
N LEU A 244 5.39 4.06 1.31
CA LEU A 244 6.40 4.67 0.44
C LEU A 244 5.84 5.94 -0.17
N LEU A 245 4.62 5.84 -0.73
CA LEU A 245 3.93 7.02 -1.26
C LEU A 245 3.85 8.16 -0.25
N THR A 246 3.58 7.82 1.00
CA THR A 246 3.47 8.83 2.05
C THR A 246 4.84 9.47 2.31
N TYR A 247 5.88 8.63 2.36
CA TYR A 247 7.23 9.16 2.49
C TYR A 247 7.57 10.14 1.37
N MET A 248 7.15 9.82 0.16
CA MET A 248 7.44 10.68 -1.00
C MET A 248 6.74 12.02 -0.92
N ILE A 249 5.46 11.99 -0.60
CA ILE A 249 4.65 13.21 -0.55
C ILE A 249 5.10 14.08 0.62
N ALA A 250 5.45 13.44 1.72
CA ALA A 250 5.94 14.18 2.88
C ALA A 250 7.21 14.90 2.48
N HIS A 251 8.08 14.19 1.77
CA HIS A 251 9.38 14.73 1.37
C HIS A 251 9.21 15.98 0.53
N ILE A 252 8.32 15.94 -0.46
CA ILE A 252 8.18 17.09 -1.33
C ILE A 252 7.28 18.19 -0.77
N THR A 253 6.63 17.96 0.37
CA THR A 253 5.78 18.99 0.97
C THR A 253 6.42 19.56 2.23
N GLY A 254 7.61 19.07 2.55
CA GLY A 254 8.33 19.54 3.73
C GLY A 254 7.74 19.05 5.04
N LEU A 255 7.10 17.88 5.01
CA LEU A 255 6.49 17.33 6.23
C LEU A 255 7.21 16.06 6.65
N LYS A 256 6.95 15.63 7.88
CA LYS A 256 7.45 14.35 8.35
C LYS A 256 6.35 13.29 8.24
N PRO A 257 6.71 12.08 7.80
CA PRO A 257 5.74 10.98 7.80
C PRO A 257 5.14 10.76 9.20
N GLY A 258 3.85 10.51 9.28
CA GLY A 258 3.23 10.25 10.57
C GLY A 258 2.83 8.79 10.71
N ASP A 259 1.55 8.51 10.42
CA ASP A 259 1.00 7.15 10.48
C ASP A 259 0.48 6.71 9.12
N PHE A 260 0.63 5.43 8.84
CA PHE A 260 -0.12 4.80 7.80
C PHE A 260 -1.19 3.94 8.43
N ILE A 261 -2.45 4.22 8.08
CA ILE A 261 -3.57 3.45 8.58
C ILE A 261 -4.18 2.62 7.45
N HIS A 262 -4.28 1.31 7.67
CA HIS A 262 -4.79 0.40 6.63
C HIS A 262 -6.13 -0.15 7.07
N THR A 263 -7.17 0.12 6.27
CA THR A 263 -8.53 -0.31 6.58
C THR A 263 -9.06 -1.16 5.45
N LEU A 264 -9.69 -2.29 5.77
CA LEU A 264 -10.21 -3.20 4.77
C LEU A 264 -11.71 -3.39 4.91
N GLY A 265 -12.40 -3.59 3.79
CA GLY A 265 -13.72 -4.17 3.80
C GLY A 265 -13.60 -5.68 3.96
N ASP A 266 -13.73 -6.42 2.84
CA ASP A 266 -13.57 -7.88 2.86
C ASP A 266 -12.08 -8.27 2.99
N ALA A 267 -11.66 -8.59 4.19
CA ALA A 267 -10.31 -9.02 4.48
C ALA A 267 -10.30 -10.55 4.43
N HIS A 268 -9.44 -11.11 3.61
CA HIS A 268 -9.58 -12.54 3.33
C HIS A 268 -8.26 -13.23 3.09
N ILE A 269 -8.28 -14.53 3.33
CA ILE A 269 -7.15 -15.42 3.12
C ILE A 269 -7.59 -16.50 2.13
N TYR A 270 -6.88 -16.64 1.00
CA TYR A 270 -7.14 -17.76 0.09
C TYR A 270 -6.82 -19.10 0.77
N LEU A 271 -7.69 -20.08 0.55
CA LEU A 271 -7.50 -21.41 1.16
C LEU A 271 -6.08 -21.95 1.02
N ASN A 272 -5.48 -21.76 -0.15
CA ASN A 272 -4.14 -22.34 -0.39
C ASN A 272 -3.03 -21.56 0.30
N HIS A 273 -3.38 -20.45 0.96
CA HIS A 273 -2.37 -19.66 1.63
C HIS A 273 -2.35 -19.98 3.11
N ILE A 274 -3.33 -20.77 3.53
CA ILE A 274 -3.53 -21.02 4.96
C ILE A 274 -2.30 -21.61 5.64
N GLU A 275 -1.73 -22.66 5.06
CA GLU A 275 -0.65 -23.38 5.72
C GLU A 275 0.63 -22.56 5.74
N PRO A 276 0.94 -21.90 4.62
CA PRO A 276 2.08 -20.99 4.61
C PRO A 276 1.89 -19.89 5.66
N LEU A 277 0.68 -19.36 5.78
CA LEU A 277 0.43 -18.29 6.75
C LEU A 277 0.53 -18.78 8.20
N LYS A 278 0.02 -19.97 8.45
CA LYS A 278 0.17 -20.61 9.78
C LYS A 278 1.64 -20.73 10.15
N ILE A 279 2.50 -20.98 9.17
CA ILE A 279 3.93 -21.04 9.46
C ILE A 279 4.47 -19.63 9.70
N GLN A 280 4.14 -18.69 8.83
CA GLN A 280 4.55 -17.30 9.06
C GLN A 280 4.15 -16.80 10.47
N LEU A 281 2.98 -17.24 10.96
CA LEU A 281 2.50 -16.80 12.28
C LEU A 281 3.45 -17.14 13.42
N GLN A 282 4.21 -18.21 13.25
CA GLN A 282 5.09 -18.68 14.32
C GLN A 282 6.41 -17.94 14.29
N ARG A 283 6.55 -17.00 13.36
CA ARG A 283 7.78 -16.21 13.27
C ARG A 283 7.70 -14.92 14.10
N GLU A 284 8.81 -14.55 14.73
CA GLU A 284 8.84 -13.36 15.56
C GLU A 284 9.27 -12.16 14.72
N PRO A 285 8.47 -11.08 14.70
CA PRO A 285 8.84 -9.87 13.96
C PRO A 285 10.18 -9.35 14.47
N ARG A 286 10.94 -8.72 13.58
CA ARG A 286 12.15 -8.03 13.98
C ARG A 286 11.89 -6.56 13.74
N PRO A 287 12.70 -5.69 14.36
CA PRO A 287 12.52 -4.25 14.22
C PRO A 287 12.37 -3.88 12.75
N PHE A 288 11.40 -3.01 12.45
CA PHE A 288 11.22 -2.50 11.10
C PHE A 288 12.50 -1.77 10.68
N PRO A 289 12.80 -1.79 9.37
CA PRO A 289 13.93 -1.04 8.81
C PRO A 289 13.61 0.46 8.71
N LYS A 290 14.54 1.22 8.16
CA LYS A 290 14.30 2.61 7.87
C LYS A 290 14.37 2.82 6.37
N LEU A 291 13.68 3.83 5.89
CA LEU A 291 13.78 4.25 4.51
C LEU A 291 14.47 5.61 4.50
N ARG A 292 15.52 5.71 3.70
CA ARG A 292 16.24 6.96 3.51
C ARG A 292 16.02 7.42 2.08
N ILE A 293 15.79 8.70 1.93
CA ILE A 293 15.72 9.33 0.63
C ILE A 293 17.05 10.05 0.50
N LEU A 294 17.82 9.72 -0.53
CA LEU A 294 19.26 10.06 -0.57
C LEU A 294 19.59 11.41 -1.20
N ARG A 295 18.57 12.07 -1.74
CA ARG A 295 18.75 13.29 -2.51
C ARG A 295 17.64 14.24 -2.10
N LYS A 296 17.77 15.51 -2.46
CA LYS A 296 16.69 16.46 -2.20
C LYS A 296 15.81 16.51 -3.45
N VAL A 297 14.54 16.12 -3.31
CA VAL A 297 13.67 16.06 -4.48
C VAL A 297 12.54 17.09 -4.39
N GLU A 298 12.13 17.60 -5.55
CA GLU A 298 11.29 18.78 -5.59
C GLU A 298 9.88 18.51 -6.09
N LYS A 299 9.77 17.69 -7.14
CA LYS A 299 8.46 17.33 -7.69
C LYS A 299 8.28 15.80 -7.73
N ILE A 300 7.06 15.34 -7.47
CA ILE A 300 6.81 13.91 -7.30
C ILE A 300 7.25 13.10 -8.53
N ASP A 301 7.15 13.69 -9.71
CA ASP A 301 7.62 13.08 -10.95
C ASP A 301 9.15 12.90 -11.04
N ASP A 302 9.90 13.59 -10.17
CA ASP A 302 11.36 13.58 -10.26
C ASP A 302 12.03 12.39 -9.55
N PHE A 303 11.30 11.70 -8.67
CA PHE A 303 11.91 10.59 -7.94
C PHE A 303 12.37 9.52 -8.93
N LYS A 304 13.49 8.89 -8.60
CA LYS A 304 13.98 7.73 -9.34
C LYS A 304 14.20 6.64 -8.31
N ALA A 305 14.24 5.39 -8.75
CA ALA A 305 14.48 4.27 -7.84
C ALA A 305 15.77 4.45 -7.02
N GLU A 306 16.77 5.09 -7.63
CA GLU A 306 18.07 5.27 -7.00
C GLU A 306 18.06 6.25 -5.82
N ASP A 307 17.03 7.07 -5.71
CA ASP A 307 16.95 8.01 -4.60
C ASP A 307 16.56 7.35 -3.28
N PHE A 308 16.28 6.05 -3.31
CA PHE A 308 15.74 5.38 -2.14
C PHE A 308 16.65 4.29 -1.61
N GLN A 309 16.79 4.23 -0.30
CA GLN A 309 17.56 3.18 0.31
C GLN A 309 16.89 2.63 1.56
N ILE A 310 16.55 1.35 1.52
CA ILE A 310 16.03 0.65 2.69
C ILE A 310 17.24 0.17 3.51
N GLU A 311 17.29 0.53 4.79
CA GLU A 311 18.43 0.09 5.58
C GLU A 311 18.00 -0.60 6.88
N GLY A 312 18.76 -1.63 7.24
CA GLY A 312 18.46 -2.41 8.42
C GLY A 312 17.34 -3.42 8.22
N TYR A 313 17.10 -3.82 6.97
CA TYR A 313 16.06 -4.81 6.68
C TYR A 313 16.60 -6.22 6.90
N ASN A 314 16.15 -6.87 7.96
CA ASN A 314 16.60 -8.20 8.34
C ASN A 314 15.42 -9.15 8.50
N PRO A 315 14.80 -9.53 7.38
CA PRO A 315 13.54 -10.29 7.36
C PRO A 315 13.73 -11.79 7.50
N HIS A 316 12.69 -12.51 7.90
CA HIS A 316 12.71 -13.97 7.82
C HIS A 316 12.66 -14.33 6.34
N PRO A 317 12.83 -15.62 6.02
CA PRO A 317 12.93 -16.01 4.60
C PRO A 317 11.66 -15.73 3.79
N THR A 318 11.85 -15.56 2.48
CA THR A 318 10.74 -15.52 1.53
C THR A 318 9.74 -16.65 1.77
N ILE A 319 8.46 -16.31 1.69
CA ILE A 319 7.40 -17.28 1.64
C ILE A 319 6.70 -17.15 0.30
N LYS A 320 6.64 -18.25 -0.45
CA LYS A 320 5.89 -18.27 -1.70
C LYS A 320 4.43 -18.61 -1.45
N MET A 321 3.54 -17.62 -1.63
CA MET A 321 2.11 -17.89 -1.65
C MET A 321 1.76 -18.19 -3.10
N GLU A 322 1.29 -19.40 -3.36
CA GLU A 322 1.07 -19.84 -4.74
C GLU A 322 -0.30 -19.44 -5.29
N MET A 323 -0.36 -18.27 -5.91
CA MET A 323 -1.58 -17.84 -6.59
C MET A 323 -1.74 -18.60 -7.91
#